data_1OI4
#
_entry.id   1OI4
#
_cell.length_a   68.037
_cell.length_b   72.446
_cell.length_c   75.946
_cell.angle_alpha   90.00
_cell.angle_beta   90.00
_cell.angle_gamma   90.00
#
_symmetry.space_group_name_H-M   'P 21 21 21'
#
loop_
_entity.id
_entity.type
_entity.pdbx_description
1 polymer 'HYPOTHETICAL PROTEIN YHBO'
2 water water
#
_entity_poly.entity_id   1
_entity_poly.type   'polypeptide(L)'
_entity_poly.pdbx_seq_one_letter_code
;MSYYHHHHHHLESTSLYKKAGLSKKIAVLITDEFEDSEFTSPADEFRKAGHEVITIEKQAGKTVKGKKGEASVTIDKSID
EVTPAEFDALLLPGGHSPDYLRGDNRFVTFTRDFVNSGKPVFAICHGPQLLISADVIRGRKLTAVKPIIIDVKNAGAEFY
DQEVVVDKDQLVTSRTPDDLPAFNREALRLLGA
;
_entity_poly.pdbx_strand_id   A,B
#
# COMPACT_ATOMS: atom_id res chain seq x y z
N SER A 2 15.73 -3.11 -15.97
CA SER A 2 16.16 -2.31 -17.16
C SER A 2 14.95 -1.77 -17.94
N TYR A 3 15.17 -0.67 -18.65
CA TYR A 3 14.13 -0.05 -19.46
C TYR A 3 13.56 -1.09 -20.43
N TYR A 4 12.23 -1.13 -20.54
CA TYR A 4 11.57 -2.06 -21.46
C TYR A 4 10.83 -1.17 -22.45
N HIS A 5 11.36 -1.09 -23.67
CA HIS A 5 10.78 -0.24 -24.70
C HIS A 5 9.42 -0.69 -25.23
N HIS A 6 8.42 0.18 -25.05
CA HIS A 6 7.06 -0.05 -25.51
C HIS A 6 6.57 -1.48 -25.33
N HIS A 7 6.48 -1.94 -24.08
CA HIS A 7 6.00 -3.29 -23.81
C HIS A 7 4.59 -3.47 -24.38
N HIS A 8 4.31 -4.63 -24.97
CA HIS A 8 2.99 -4.92 -25.50
C HIS A 8 2.47 -6.19 -24.84
N HIS A 9 1.16 -6.24 -24.59
CA HIS A 9 0.58 -7.40 -23.93
C HIS A 9 -0.53 -8.12 -24.70
N HIS A 10 -0.58 -7.90 -26.01
CA HIS A 10 -1.59 -8.58 -26.83
C HIS A 10 -0.91 -9.51 -27.82
N LEU A 11 -1.64 -10.51 -28.31
CA LEU A 11 -1.10 -11.45 -29.26
C LEU A 11 -0.51 -10.69 -30.45
N GLU A 12 0.68 -11.10 -30.87
CA GLU A 12 1.36 -10.45 -31.98
C GLU A 12 0.59 -10.67 -33.28
N SER A 13 0.73 -9.73 -34.22
CA SER A 13 0.03 -9.82 -35.50
C SER A 13 0.39 -11.07 -36.29
N THR A 14 1.37 -11.81 -35.78
CA THR A 14 1.82 -13.04 -36.43
C THR A 14 1.26 -14.29 -35.75
N SER A 15 0.52 -14.09 -34.66
CA SER A 15 -0.06 -15.20 -33.90
C SER A 15 -1.15 -15.89 -34.71
N LEU A 16 -1.15 -17.23 -34.66
CA LEU A 16 -2.16 -18.03 -35.37
C LEU A 16 -3.49 -17.95 -34.65
N TYR A 17 -3.44 -17.69 -33.35
CA TYR A 17 -4.64 -17.60 -32.52
C TYR A 17 -5.30 -16.24 -32.57
N LYS A 18 -4.66 -15.28 -33.21
CA LYS A 18 -5.22 -13.94 -33.28
C LYS A 18 -6.53 -13.82 -34.04
N LYS A 19 -6.56 -14.30 -35.27
CA LYS A 19 -7.76 -14.19 -36.09
C LYS A 19 -9.05 -14.81 -35.52
N ALA A 20 -8.99 -16.04 -35.04
CA ALA A 20 -10.19 -16.70 -34.49
C ALA A 20 -10.66 -16.06 -33.18
N GLY A 21 -9.75 -15.33 -32.52
CA GLY A 21 -10.07 -14.66 -31.27
C GLY A 21 -10.58 -15.54 -30.16
N LEU A 22 -10.01 -16.73 -30.02
CA LEU A 22 -10.46 -17.68 -29.00
C LEU A 22 -9.58 -17.79 -27.75
N SER A 23 -8.53 -16.98 -27.68
CA SER A 23 -7.62 -17.04 -26.53
C SER A 23 -8.24 -16.82 -25.16
N LYS A 24 -7.63 -17.42 -24.13
CA LYS A 24 -8.10 -17.23 -22.77
C LYS A 24 -7.78 -15.78 -22.47
N LYS A 25 -8.52 -15.17 -21.55
CA LYS A 25 -8.30 -13.76 -21.24
C LYS A 25 -7.94 -13.52 -19.78
N ILE A 26 -6.79 -12.90 -19.54
CA ILE A 26 -6.36 -12.59 -18.18
C ILE A 26 -6.58 -11.10 -17.93
N ALA A 27 -7.48 -10.78 -17.01
CA ALA A 27 -7.74 -9.38 -16.67
C ALA A 27 -6.63 -8.90 -15.76
N VAL A 28 -6.28 -7.62 -15.86
CA VAL A 28 -5.24 -7.06 -15.01
C VAL A 28 -5.70 -5.70 -14.48
N LEU A 29 -5.82 -5.57 -13.16
CA LEU A 29 -6.22 -4.30 -12.57
C LEU A 29 -4.89 -3.62 -12.35
N ILE A 30 -4.64 -2.53 -13.07
CA ILE A 30 -3.35 -1.88 -12.97
C ILE A 30 -3.39 -0.37 -13.20
N THR A 31 -2.65 0.36 -12.38
CA THR A 31 -2.58 1.81 -12.51
C THR A 31 -1.14 2.26 -12.27
N ASP A 32 -0.93 3.57 -12.19
CA ASP A 32 0.41 4.11 -11.98
C ASP A 32 1.15 3.59 -10.76
N GLU A 33 2.46 3.46 -10.90
CA GLU A 33 3.36 3.01 -9.85
C GLU A 33 3.30 1.53 -9.51
N PHE A 34 2.85 0.72 -10.46
CA PHE A 34 2.82 -0.71 -10.25
C PHE A 34 4.28 -1.14 -10.31
N GLU A 35 4.61 -2.28 -9.69
CA GLU A 35 5.98 -2.78 -9.72
C GLU A 35 6.22 -3.30 -11.15
N ASP A 36 7.03 -2.57 -11.90
CA ASP A 36 7.33 -2.88 -13.30
C ASP A 36 7.33 -4.34 -13.75
N SER A 37 8.26 -5.14 -13.22
CA SER A 37 8.36 -6.54 -13.63
C SER A 37 7.17 -7.39 -13.18
N GLU A 38 6.42 -6.93 -12.20
CA GLU A 38 5.28 -7.70 -11.73
C GLU A 38 4.17 -7.71 -12.78
N PHE A 39 4.36 -6.91 -13.82
CA PHE A 39 3.41 -6.90 -14.92
C PHE A 39 4.08 -7.47 -16.17
N THR A 40 5.23 -6.91 -16.53
CA THR A 40 5.93 -7.36 -17.73
C THR A 40 6.32 -8.83 -17.76
N SER A 41 6.75 -9.36 -16.63
CA SER A 41 7.14 -10.77 -16.58
C SER A 41 5.95 -11.72 -16.74
N PRO A 42 4.90 -11.55 -15.91
CA PRO A 42 3.74 -12.44 -16.06
C PRO A 42 3.11 -12.28 -17.44
N ALA A 43 2.95 -11.02 -17.85
CA ALA A 43 2.35 -10.71 -19.14
C ALA A 43 3.10 -11.38 -20.30
N ASP A 44 4.43 -11.30 -20.27
CA ASP A 44 5.23 -11.91 -21.32
C ASP A 44 5.07 -13.42 -21.34
N GLU A 45 4.98 -14.03 -20.17
CA GLU A 45 4.81 -15.48 -20.08
C GLU A 45 3.43 -15.88 -20.59
N PHE A 46 2.41 -15.12 -20.22
CA PHE A 46 1.05 -15.41 -20.66
C PHE A 46 0.95 -15.29 -22.18
N ARG A 47 1.54 -14.24 -22.73
CA ARG A 47 1.50 -14.01 -24.17
C ARG A 47 2.16 -15.16 -24.91
N LYS A 48 3.34 -15.55 -24.46
CA LYS A 48 4.08 -16.65 -25.08
C LYS A 48 3.30 -17.95 -25.00
N ALA A 49 2.40 -18.04 -24.02
CA ALA A 49 1.59 -19.24 -23.86
C ALA A 49 0.33 -19.18 -24.72
N GLY A 50 0.13 -18.07 -25.41
CA GLY A 50 -1.03 -17.94 -26.27
C GLY A 50 -2.27 -17.34 -25.60
N HIS A 51 -2.08 -16.74 -24.42
CA HIS A 51 -3.19 -16.13 -23.69
C HIS A 51 -3.18 -14.63 -23.93
N GLU A 52 -4.36 -14.01 -23.94
CA GLU A 52 -4.41 -12.57 -24.14
C GLU A 52 -4.41 -11.90 -22.78
N VAL A 53 -3.98 -10.65 -22.74
CA VAL A 53 -3.90 -9.88 -21.50
C VAL A 53 -4.69 -8.59 -21.69
N ILE A 54 -5.61 -8.32 -20.76
CA ILE A 54 -6.41 -7.11 -20.86
C ILE A 54 -6.16 -6.23 -19.64
N THR A 55 -5.52 -5.09 -19.87
CA THR A 55 -5.23 -4.15 -18.79
C THR A 55 -6.48 -3.33 -18.53
N ILE A 56 -6.82 -3.20 -17.26
CA ILE A 56 -8.01 -2.49 -16.84
C ILE A 56 -7.70 -1.40 -15.82
N GLU A 57 -8.24 -0.21 -16.06
CA GLU A 57 -8.05 0.92 -15.16
C GLU A 57 -9.29 1.79 -15.24
N LYS A 58 -9.12 3.10 -15.20
CA LYS A 58 -10.27 4.00 -15.24
C LYS A 58 -10.51 4.65 -16.60
N GLN A 59 -9.46 4.71 -17.42
CA GLN A 59 -9.56 5.33 -18.72
C GLN A 59 -8.87 4.52 -19.81
N ALA A 60 -9.65 4.01 -20.75
CA ALA A 60 -9.07 3.23 -21.85
C ALA A 60 -8.15 4.14 -22.66
N GLY A 61 -7.02 3.59 -23.11
CA GLY A 61 -6.10 4.38 -23.90
C GLY A 61 -5.06 5.13 -23.08
N LYS A 62 -5.29 5.20 -21.76
CA LYS A 62 -4.35 5.87 -20.88
C LYS A 62 -3.05 5.08 -20.78
N THR A 63 -1.97 5.76 -20.48
CA THR A 63 -0.68 5.10 -20.32
C THR A 63 -0.29 5.21 -18.85
N VAL A 64 -0.05 4.08 -18.21
CA VAL A 64 0.37 4.07 -16.81
C VAL A 64 1.83 3.65 -16.75
N LYS A 65 2.59 4.26 -15.85
CA LYS A 65 4.01 3.97 -15.75
C LYS A 65 4.43 3.23 -14.49
N GLY A 66 5.37 2.30 -14.68
CA GLY A 66 5.88 1.52 -13.56
C GLY A 66 6.62 2.36 -12.54
N LYS A 67 6.57 1.92 -11.29
CA LYS A 67 7.23 2.59 -10.17
C LYS A 67 8.69 2.93 -10.50
N LYS A 68 9.37 2.01 -11.17
CA LYS A 68 10.77 2.21 -11.54
C LYS A 68 10.94 2.97 -12.86
N GLY A 69 9.83 3.31 -13.50
CA GLY A 69 9.90 4.04 -14.76
C GLY A 69 10.45 3.22 -15.92
N GLU A 70 10.64 1.92 -15.69
CA GLU A 70 11.18 1.03 -16.71
C GLU A 70 10.12 0.57 -17.72
N ALA A 71 8.88 0.43 -17.27
CA ALA A 71 7.82 -0.02 -18.15
C ALA A 71 6.61 0.89 -18.12
N SER A 72 6.02 1.09 -19.29
CA SER A 72 4.82 1.91 -19.43
C SER A 72 3.85 1.04 -20.20
N VAL A 73 2.62 0.95 -19.72
CA VAL A 73 1.64 0.10 -20.37
C VAL A 73 0.37 0.83 -20.69
N THR A 74 -0.21 0.49 -21.83
CA THR A 74 -1.45 1.09 -22.28
C THR A 74 -2.62 0.35 -21.64
N ILE A 75 -3.61 1.10 -21.21
CA ILE A 75 -4.80 0.53 -20.60
C ILE A 75 -5.80 0.20 -21.71
N ASP A 76 -6.25 -1.05 -21.73
CA ASP A 76 -7.20 -1.49 -22.76
C ASP A 76 -8.64 -1.11 -22.46
N LYS A 77 -9.05 -1.22 -21.20
CA LYS A 77 -10.43 -0.94 -20.86
C LYS A 77 -10.64 -0.20 -19.56
N SER A 78 -11.80 0.45 -19.48
CA SER A 78 -12.19 1.15 -18.27
C SER A 78 -12.90 0.06 -17.47
N ILE A 79 -12.75 0.10 -16.16
CA ILE A 79 -13.39 -0.89 -15.31
C ILE A 79 -14.91 -0.82 -15.47
N ASP A 80 -15.41 0.30 -15.98
CA ASP A 80 -16.86 0.46 -16.17
C ASP A 80 -17.39 -0.35 -17.36
N GLU A 81 -16.51 -0.72 -18.28
CA GLU A 81 -16.95 -1.44 -19.47
C GLU A 81 -16.59 -2.92 -19.55
N VAL A 82 -16.24 -3.52 -18.42
CA VAL A 82 -15.90 -4.93 -18.41
C VAL A 82 -16.60 -5.63 -17.25
N THR A 83 -16.62 -6.95 -17.32
CA THR A 83 -17.25 -7.78 -16.32
C THR A 83 -16.33 -8.93 -15.95
N PRO A 84 -16.40 -9.40 -14.70
CA PRO A 84 -15.54 -10.52 -14.29
C PRO A 84 -15.85 -11.74 -15.16
N ALA A 85 -17.10 -11.82 -15.61
CA ALA A 85 -17.57 -12.93 -16.43
C ALA A 85 -16.78 -13.18 -17.71
N GLU A 86 -16.36 -12.12 -18.40
CA GLU A 86 -15.66 -12.29 -19.65
C GLU A 86 -14.20 -12.73 -19.56
N PHE A 87 -13.67 -12.81 -18.34
CA PHE A 87 -12.26 -13.21 -18.18
C PHE A 87 -12.09 -14.60 -17.58
N ASP A 88 -10.95 -15.22 -17.88
CA ASP A 88 -10.63 -16.54 -17.38
C ASP A 88 -9.79 -16.49 -16.11
N ALA A 89 -9.04 -15.40 -15.96
CA ALA A 89 -8.19 -15.24 -14.78
C ALA A 89 -7.94 -13.76 -14.52
N LEU A 90 -7.38 -13.48 -13.35
CA LEU A 90 -7.09 -12.10 -12.96
C LEU A 90 -5.70 -11.95 -12.37
N LEU A 91 -4.96 -10.95 -12.86
CA LEU A 91 -3.62 -10.67 -12.36
C LEU A 91 -3.62 -9.37 -11.59
N LEU A 92 -2.99 -9.37 -10.43
CA LEU A 92 -2.92 -8.17 -9.60
C LEU A 92 -1.46 -7.87 -9.26
N PRO A 93 -0.81 -7.01 -10.06
CA PRO A 93 0.59 -6.66 -9.79
C PRO A 93 0.70 -5.78 -8.54
N GLY A 94 1.91 -5.73 -7.96
CA GLY A 94 2.12 -4.94 -6.76
C GLY A 94 2.57 -3.49 -6.94
N GLY A 95 3.56 -3.08 -6.14
CA GLY A 95 4.02 -1.71 -6.21
C GLY A 95 2.98 -0.88 -5.47
N HIS A 96 2.78 0.37 -5.86
CA HIS A 96 1.77 1.19 -5.20
C HIS A 96 0.44 1.18 -5.96
N SER A 97 0.35 0.36 -7.01
CA SER A 97 -0.87 0.27 -7.79
C SER A 97 -2.09 -0.17 -6.97
N PRO A 98 -1.96 -1.25 -6.18
CA PRO A 98 -3.09 -1.71 -5.37
C PRO A 98 -3.60 -0.65 -4.38
N ASP A 99 -2.68 0.13 -3.82
CA ASP A 99 -3.08 1.18 -2.88
C ASP A 99 -3.98 2.20 -3.58
N TYR A 100 -3.60 2.56 -4.80
CA TYR A 100 -4.38 3.52 -5.58
C TYR A 100 -5.73 2.98 -6.00
N LEU A 101 -5.78 1.69 -6.31
CA LEU A 101 -7.02 1.07 -6.77
C LEU A 101 -7.98 0.61 -5.68
N ARG A 102 -7.45 0.19 -4.52
CA ARG A 102 -8.31 -0.32 -3.44
C ARG A 102 -9.17 0.74 -2.77
N GLY A 103 -9.01 1.99 -3.16
CA GLY A 103 -9.82 3.06 -2.60
C GLY A 103 -11.00 3.37 -3.50
N ASP A 104 -11.18 2.56 -4.54
CA ASP A 104 -12.26 2.72 -5.50
C ASP A 104 -13.13 1.46 -5.49
N ASN A 105 -14.37 1.59 -5.01
CA ASN A 105 -15.28 0.45 -4.90
C ASN A 105 -15.42 -0.41 -6.15
N ARG A 106 -15.27 0.19 -7.32
CA ARG A 106 -15.39 -0.56 -8.57
C ARG A 106 -14.35 -1.67 -8.67
N PHE A 107 -13.10 -1.37 -8.33
CA PHE A 107 -12.04 -2.38 -8.40
C PHE A 107 -12.17 -3.42 -7.30
N VAL A 108 -12.63 -2.98 -6.13
CA VAL A 108 -12.80 -3.89 -5.01
C VAL A 108 -13.92 -4.88 -5.32
N THR A 109 -15.01 -4.37 -5.90
CA THR A 109 -16.15 -5.20 -6.27
C THR A 109 -15.77 -6.18 -7.38
N PHE A 110 -14.97 -5.72 -8.33
CA PHE A 110 -14.53 -6.56 -9.44
C PHE A 110 -13.70 -7.71 -8.87
N THR A 111 -12.78 -7.38 -7.98
CA THR A 111 -11.92 -8.37 -7.35
C THR A 111 -12.75 -9.37 -6.56
N ARG A 112 -13.69 -8.88 -5.76
CA ARG A 112 -14.55 -9.72 -4.95
C ARG A 112 -15.34 -10.71 -5.78
N ASP A 113 -16.05 -10.18 -6.77
CA ASP A 113 -16.87 -11.01 -7.65
C ASP A 113 -16.05 -12.02 -8.43
N PHE A 114 -14.86 -11.60 -8.87
CA PHE A 114 -14.00 -12.51 -9.62
C PHE A 114 -13.57 -13.68 -8.73
N VAL A 115 -13.13 -13.36 -7.52
CA VAL A 115 -12.70 -14.40 -6.58
C VAL A 115 -13.86 -15.35 -6.27
N ASN A 116 -15.05 -14.79 -6.01
CA ASN A 116 -16.21 -15.60 -5.70
C ASN A 116 -16.68 -16.45 -6.89
N SER A 117 -16.15 -16.17 -8.08
CA SER A 117 -16.52 -16.94 -9.27
C SER A 117 -15.73 -18.24 -9.30
N GLY A 118 -14.67 -18.31 -8.50
CA GLY A 118 -13.85 -19.51 -8.45
C GLY A 118 -12.70 -19.53 -9.44
N LYS A 119 -12.68 -18.55 -10.33
CA LYS A 119 -11.63 -18.44 -11.35
C LYS A 119 -10.29 -18.07 -10.71
N PRO A 120 -9.19 -18.50 -11.34
CA PRO A 120 -7.83 -18.22 -10.83
C PRO A 120 -7.51 -16.73 -10.69
N VAL A 121 -6.82 -16.39 -9.62
CA VAL A 121 -6.40 -15.01 -9.37
C VAL A 121 -4.93 -15.09 -8.96
N PHE A 122 -4.11 -14.25 -9.57
CA PHE A 122 -2.67 -14.23 -9.28
C PHE A 122 -2.31 -12.87 -8.68
N ALA A 123 -1.92 -12.86 -7.41
CA ALA A 123 -1.58 -11.62 -6.72
C ALA A 123 -0.18 -11.66 -6.12
N ILE A 124 0.66 -10.70 -6.49
CA ILE A 124 2.03 -10.66 -6.00
C ILE A 124 2.42 -9.35 -5.30
N CYS A 125 3.28 -9.47 -4.30
CA CYS A 125 3.78 -8.32 -3.55
C CYS A 125 2.64 -7.58 -2.82
N HIS A 126 2.34 -6.36 -3.23
CA HIS A 126 1.25 -5.61 -2.61
C HIS A 126 -0.10 -6.02 -3.23
N GLY A 127 -0.05 -6.75 -4.33
CA GLY A 127 -1.27 -7.18 -5.01
C GLY A 127 -2.38 -7.67 -4.09
N PRO A 128 -2.04 -8.47 -3.08
CA PRO A 128 -3.05 -8.99 -2.15
C PRO A 128 -3.90 -7.93 -1.45
N GLN A 129 -3.42 -6.68 -1.43
CA GLN A 129 -4.17 -5.61 -0.77
C GLN A 129 -5.60 -5.53 -1.33
N LEU A 130 -5.76 -5.80 -2.63
CA LEU A 130 -7.08 -5.75 -3.24
C LEU A 130 -7.94 -6.91 -2.73
N LEU A 131 -7.30 -8.04 -2.47
CA LEU A 131 -7.99 -9.22 -1.94
C LEU A 131 -8.45 -8.91 -0.53
N ILE A 132 -7.63 -8.17 0.21
CA ILE A 132 -8.00 -7.78 1.58
C ILE A 132 -9.23 -6.88 1.50
N SER A 133 -9.17 -5.87 0.65
CA SER A 133 -10.28 -4.93 0.49
C SER A 133 -11.57 -5.62 0.06
N ALA A 134 -11.45 -6.64 -0.79
CA ALA A 134 -12.63 -7.38 -1.24
C ALA A 134 -13.11 -8.27 -0.10
N ASP A 135 -12.23 -8.44 0.90
CA ASP A 135 -12.49 -9.25 2.08
C ASP A 135 -12.90 -10.69 1.71
N VAL A 136 -12.04 -11.34 0.93
CA VAL A 136 -12.29 -12.70 0.49
C VAL A 136 -11.15 -13.65 0.79
N ILE A 137 -10.37 -13.39 1.83
CA ILE A 137 -9.25 -14.27 2.14
C ILE A 137 -9.28 -14.88 3.54
N ARG A 138 -10.31 -14.57 4.31
CA ARG A 138 -10.38 -15.13 5.65
C ARG A 138 -10.39 -16.65 5.56
N GLY A 139 -9.44 -17.28 6.24
CA GLY A 139 -9.35 -18.74 6.23
C GLY A 139 -8.58 -19.31 5.04
N ARG A 140 -8.16 -18.46 4.11
CA ARG A 140 -7.43 -18.93 2.94
C ARG A 140 -5.92 -18.76 3.08
N LYS A 141 -5.19 -19.62 2.39
CA LYS A 141 -3.73 -19.60 2.44
C LYS A 141 -3.09 -18.73 1.37
N LEU A 142 -2.16 -17.88 1.80
CA LEU A 142 -1.44 -17.02 0.87
C LEU A 142 -0.23 -16.37 1.50
N THR A 143 0.52 -15.67 0.68
CA THR A 143 1.69 -14.96 1.15
C THR A 143 1.61 -13.55 0.60
N ALA A 144 2.59 -12.72 0.93
CA ALA A 144 2.62 -11.33 0.46
C ALA A 144 3.91 -10.67 0.93
N VAL A 145 4.12 -9.42 0.48
CA VAL A 145 5.31 -8.65 0.82
C VAL A 145 5.30 -8.24 2.30
N LYS A 146 6.48 -8.23 2.91
CA LYS A 146 6.64 -7.92 4.32
C LYS A 146 5.76 -6.85 4.98
N PRO A 147 5.77 -5.61 4.46
CA PRO A 147 4.94 -4.57 5.09
C PRO A 147 3.46 -4.86 5.28
N ILE A 148 2.88 -5.73 4.46
CA ILE A 148 1.45 -6.00 4.62
C ILE A 148 1.10 -7.35 5.25
N ILE A 149 2.12 -8.09 5.67
CA ILE A 149 1.89 -9.39 6.30
C ILE A 149 0.88 -9.25 7.44
N ILE A 150 1.03 -8.21 8.25
CA ILE A 150 0.13 -7.97 9.36
C ILE A 150 -1.31 -7.72 8.90
N ASP A 151 -1.48 -7.02 7.77
CA ASP A 151 -2.81 -6.75 7.25
C ASP A 151 -3.48 -8.02 6.72
N VAL A 152 -2.69 -8.87 6.09
CA VAL A 152 -3.19 -10.13 5.55
C VAL A 152 -3.70 -11.01 6.70
N LYS A 153 -2.93 -11.04 7.78
CA LYS A 153 -3.31 -11.83 8.95
C LYS A 153 -4.54 -11.23 9.64
N ASN A 154 -4.59 -9.90 9.72
CA ASN A 154 -5.73 -9.23 10.32
C ASN A 154 -6.99 -9.50 9.51
N ALA A 155 -6.80 -9.85 8.24
CA ALA A 155 -7.91 -10.14 7.34
C ALA A 155 -8.38 -11.60 7.47
N GLY A 156 -7.80 -12.31 8.43
CA GLY A 156 -8.17 -13.69 8.68
C GLY A 156 -7.48 -14.75 7.82
N ALA A 157 -6.53 -14.34 6.98
CA ALA A 157 -5.85 -15.30 6.13
C ALA A 157 -4.74 -16.02 6.88
N GLU A 158 -4.40 -17.23 6.43
CA GLU A 158 -3.33 -17.99 7.05
C GLU A 158 -2.06 -17.70 6.24
N PHE A 159 -1.16 -16.95 6.85
CA PHE A 159 0.08 -16.55 6.18
C PHE A 159 1.17 -17.61 6.13
N TYR A 160 1.84 -17.69 4.98
CA TYR A 160 2.95 -18.61 4.79
C TYR A 160 4.08 -17.82 4.15
N ASP A 161 5.30 -18.00 4.65
CA ASP A 161 6.46 -17.32 4.08
C ASP A 161 7.09 -18.26 3.07
N GLN A 162 6.60 -18.18 1.83
CA GLN A 162 7.07 -19.03 0.73
C GLN A 162 7.11 -18.23 -0.56
N GLU A 163 7.91 -18.68 -1.53
CA GLU A 163 7.99 -17.96 -2.81
C GLU A 163 6.63 -17.92 -3.51
N VAL A 164 5.81 -18.94 -3.31
CA VAL A 164 4.48 -18.99 -3.89
C VAL A 164 3.54 -19.85 -3.06
N VAL A 165 2.29 -19.42 -2.97
CA VAL A 165 1.26 -20.14 -2.24
C VAL A 165 0.04 -20.27 -3.15
N VAL A 166 -0.48 -21.49 -3.30
CA VAL A 166 -1.64 -21.74 -4.13
C VAL A 166 -2.77 -22.29 -3.25
N ASP A 167 -3.86 -21.53 -3.13
CA ASP A 167 -4.98 -21.94 -2.30
C ASP A 167 -6.11 -22.51 -3.16
N LYS A 168 -6.48 -23.75 -2.86
CA LYS A 168 -7.56 -24.44 -3.57
C LYS A 168 -7.43 -24.33 -5.08
N ASP A 169 -6.20 -24.39 -5.58
CA ASP A 169 -5.97 -24.29 -7.01
C ASP A 169 -6.66 -23.08 -7.63
N GLN A 170 -6.67 -21.97 -6.90
CA GLN A 170 -7.29 -20.75 -7.41
C GLN A 170 -6.44 -19.52 -7.11
N LEU A 171 -6.20 -19.28 -5.83
CA LEU A 171 -5.41 -18.12 -5.43
C LEU A 171 -3.92 -18.39 -5.42
N VAL A 172 -3.21 -17.67 -6.28
CA VAL A 172 -1.76 -17.81 -6.36
C VAL A 172 -1.16 -16.51 -5.86
N THR A 173 -0.34 -16.59 -4.81
CA THR A 173 0.31 -15.41 -4.28
C THR A 173 1.81 -15.60 -4.08
N SER A 174 2.54 -14.50 -4.23
CA SER A 174 3.99 -14.50 -4.06
C SER A 174 4.38 -13.22 -3.33
N ARG A 175 5.64 -13.15 -2.89
CA ARG A 175 6.12 -12.01 -2.10
C ARG A 175 6.80 -10.86 -2.83
N THR A 176 7.76 -11.19 -3.70
CA THR A 176 8.53 -10.16 -4.41
C THR A 176 8.86 -10.57 -5.84
N PRO A 177 9.50 -9.65 -6.61
CA PRO A 177 9.88 -9.96 -7.98
C PRO A 177 10.78 -11.19 -8.07
N ASP A 178 11.51 -11.46 -6.99
CA ASP A 178 12.40 -12.62 -6.95
C ASP A 178 11.63 -13.94 -6.92
N ASP A 179 10.32 -13.87 -6.67
CA ASP A 179 9.49 -15.07 -6.65
C ASP A 179 8.77 -15.25 -8.00
N LEU A 180 9.03 -14.35 -8.95
CA LEU A 180 8.37 -14.40 -10.25
C LEU A 180 8.44 -15.76 -10.94
N PRO A 181 9.61 -16.41 -10.94
CA PRO A 181 9.70 -17.72 -11.59
C PRO A 181 8.64 -18.68 -11.06
N ALA A 182 8.51 -18.74 -9.75
CA ALA A 182 7.53 -19.62 -9.13
C ALA A 182 6.11 -19.11 -9.36
N PHE A 183 5.94 -17.80 -9.22
CA PHE A 183 4.64 -17.16 -9.41
C PHE A 183 4.10 -17.52 -10.79
N ASN A 184 4.89 -17.25 -11.82
CA ASN A 184 4.49 -17.54 -13.19
C ASN A 184 4.19 -19.02 -13.39
N ARG A 185 5.01 -19.88 -12.80
CA ARG A 185 4.82 -21.33 -12.92
C ARG A 185 3.40 -21.75 -12.54
N GLU A 186 2.98 -21.39 -11.33
CA GLU A 186 1.66 -21.77 -10.84
C GLU A 186 0.53 -21.08 -11.59
N ALA A 187 0.74 -19.83 -11.99
CA ALA A 187 -0.27 -19.07 -12.73
C ALA A 187 -0.52 -19.79 -14.06
N LEU A 188 0.57 -20.10 -14.76
CA LEU A 188 0.47 -20.80 -16.05
C LEU A 188 -0.20 -22.15 -15.87
N ARG A 189 0.19 -22.85 -14.81
CA ARG A 189 -0.38 -24.15 -14.52
C ARG A 189 -1.89 -24.07 -14.44
N LEU A 190 -2.42 -23.10 -13.70
CA LEU A 190 -3.86 -22.95 -13.57
C LEU A 190 -4.54 -22.52 -14.87
N LEU A 191 -3.77 -21.92 -15.77
CA LEU A 191 -4.32 -21.46 -17.04
C LEU A 191 -4.30 -22.53 -18.13
N GLY A 192 -3.60 -23.63 -17.86
CA GLY A 192 -3.50 -24.70 -18.83
C GLY A 192 -4.51 -25.82 -18.68
N ALA A 193 -4.46 -26.77 -19.47
N ALA B 20 4.20 31.43 24.67
CA ALA B 20 4.96 30.17 24.41
C ALA B 20 4.91 29.20 25.58
N GLY B 21 4.49 27.97 25.31
CA GLY B 21 4.42 26.97 26.35
C GLY B 21 5.71 26.17 26.45
N LEU B 22 5.70 25.12 27.26
CA LEU B 22 6.86 24.26 27.43
C LEU B 22 7.20 23.56 26.11
N SER B 23 8.42 23.79 25.62
CA SER B 23 8.85 23.18 24.38
C SER B 23 8.90 21.67 24.54
N LYS B 24 8.46 20.94 23.52
CA LYS B 24 8.49 19.49 23.60
C LYS B 24 9.12 18.91 22.34
N LYS B 25 9.89 17.83 22.52
CA LYS B 25 10.57 17.18 21.40
C LYS B 25 9.61 16.22 20.69
N ILE B 26 9.39 16.47 19.40
CA ILE B 26 8.51 15.63 18.61
C ILE B 26 9.29 14.74 17.64
N ALA B 27 9.24 13.44 17.88
CA ALA B 27 9.93 12.50 17.00
C ALA B 27 9.12 12.36 15.72
N VAL B 28 9.81 12.17 14.61
CA VAL B 28 9.16 11.99 13.32
C VAL B 28 9.79 10.83 12.56
N LEU B 29 9.01 9.77 12.35
CA LEU B 29 9.49 8.62 11.59
C LEU B 29 9.18 8.99 10.13
N ILE B 30 10.21 9.25 9.35
CA ILE B 30 9.97 9.65 7.97
C ILE B 30 11.04 9.18 7.00
N THR B 31 10.60 8.76 5.82
CA THR B 31 11.51 8.32 4.77
C THR B 31 11.01 8.85 3.43
N ASP B 32 11.68 8.49 2.34
CA ASP B 32 11.30 8.97 1.02
C ASP B 32 9.86 8.70 0.60
N GLU B 33 9.33 9.61 -0.21
CA GLU B 33 7.97 9.53 -0.71
C GLU B 33 6.86 9.79 0.31
N PHE B 34 7.18 10.53 1.37
CA PHE B 34 6.19 10.88 2.36
C PHE B 34 5.35 11.98 1.71
N GLU B 35 4.10 12.17 2.16
CA GLU B 35 3.26 13.22 1.60
C GLU B 35 3.82 14.56 2.10
N ASP B 36 4.42 15.31 1.18
CA ASP B 36 5.06 16.60 1.48
C ASP B 36 4.48 17.47 2.59
N SER B 37 3.24 17.93 2.42
CA SER B 37 2.63 18.79 3.42
C SER B 37 2.33 18.07 4.74
N GLU B 38 2.21 16.75 4.71
CA GLU B 38 1.92 16.04 5.94
C GLU B 38 3.10 16.08 6.91
N PHE B 39 4.24 16.56 6.43
CA PHE B 39 5.39 16.75 7.28
C PHE B 39 5.61 18.24 7.51
N THR B 40 5.64 19.00 6.42
CA THR B 40 5.89 20.44 6.51
C THR B 40 4.84 21.29 7.23
N SER B 41 3.57 20.98 7.06
CA SER B 41 2.55 21.79 7.74
C SER B 41 2.64 21.58 9.25
N PRO B 42 2.58 20.31 9.72
CA PRO B 42 2.68 20.09 11.17
C PRO B 42 4.01 20.61 11.72
N ALA B 43 5.09 20.37 10.97
CA ALA B 43 6.42 20.82 11.39
C ALA B 43 6.42 22.32 11.59
N ASP B 44 5.88 23.05 10.61
CA ASP B 44 5.82 24.51 10.68
C ASP B 44 5.06 24.93 11.93
N GLU B 45 3.86 24.39 12.10
CA GLU B 45 3.02 24.72 13.25
C GLU B 45 3.72 24.39 14.57
N PHE B 46 4.38 23.24 14.61
CA PHE B 46 5.08 22.82 15.81
C PHE B 46 6.23 23.78 16.12
N ARG B 47 7.00 24.14 15.10
CA ARG B 47 8.13 25.04 15.32
C ARG B 47 7.67 26.43 15.79
N LYS B 48 6.60 26.93 15.18
CA LYS B 48 6.06 28.24 15.55
C LYS B 48 5.70 28.26 17.03
N ALA B 49 5.28 27.11 17.56
CA ALA B 49 4.91 26.99 18.96
C ALA B 49 6.14 26.76 19.83
N GLY B 50 7.32 26.82 19.22
CA GLY B 50 8.56 26.64 19.94
C GLY B 50 8.99 25.19 20.17
N HIS B 51 8.29 24.26 19.55
CA HIS B 51 8.63 22.85 19.73
C HIS B 51 9.78 22.42 18.83
N GLU B 52 10.44 21.33 19.25
CA GLU B 52 11.59 20.79 18.55
C GLU B 52 11.17 19.59 17.69
N VAL B 53 11.43 19.67 16.39
CA VAL B 53 11.07 18.58 15.47
C VAL B 53 12.32 17.76 15.15
N ILE B 54 12.28 16.47 15.47
CA ILE B 54 13.42 15.59 15.23
C ILE B 54 13.06 14.44 14.29
N THR B 55 13.68 14.42 13.12
CA THR B 55 13.41 13.38 12.11
C THR B 55 14.28 12.15 12.27
N ILE B 56 13.66 10.98 12.16
CA ILE B 56 14.33 9.71 12.32
C ILE B 56 14.11 8.77 11.14
N GLU B 57 15.20 8.17 10.68
CA GLU B 57 15.13 7.19 9.60
C GLU B 57 16.20 6.14 9.88
N LYS B 58 16.85 5.64 8.84
CA LYS B 58 17.88 4.62 9.03
C LYS B 58 19.28 5.21 9.15
N GLN B 59 19.49 6.37 8.55
CA GLN B 59 20.80 6.99 8.58
C GLN B 59 20.78 8.51 8.69
N ALA B 60 21.40 9.01 9.76
CA ALA B 60 21.47 10.44 10.01
C ALA B 60 22.23 11.16 8.88
N GLY B 61 21.85 12.40 8.61
CA GLY B 61 22.52 13.18 7.57
C GLY B 61 21.93 13.02 6.18
N LYS B 62 21.16 11.96 5.99
CA LYS B 62 20.53 11.67 4.71
C LYS B 62 19.45 12.70 4.40
N THR B 63 19.15 12.88 3.12
CA THR B 63 18.11 13.82 2.70
C THR B 63 17.01 13.03 2.00
N VAL B 64 15.81 13.03 2.58
CA VAL B 64 14.69 12.33 1.97
C VAL B 64 13.75 13.37 1.40
N LYS B 65 13.13 13.06 0.25
CA LYS B 65 12.22 13.99 -0.39
C LYS B 65 10.78 13.52 -0.43
N GLY B 66 9.86 14.47 -0.39
CA GLY B 66 8.45 14.14 -0.44
C GLY B 66 7.96 13.57 -1.75
N LYS B 67 6.83 12.90 -1.69
CA LYS B 67 6.19 12.27 -2.84
C LYS B 67 6.01 13.20 -4.04
N LYS B 68 5.73 14.47 -3.77
CA LYS B 68 5.51 15.44 -4.84
C LYS B 68 6.75 16.26 -5.18
N GLY B 69 7.91 15.82 -4.68
CA GLY B 69 9.16 16.51 -4.94
C GLY B 69 9.21 17.97 -4.54
N GLU B 70 8.41 18.36 -3.55
CA GLU B 70 8.37 19.74 -3.09
C GLU B 70 9.12 19.95 -1.78
N ALA B 71 9.04 18.98 -0.88
CA ALA B 71 9.71 19.09 0.40
C ALA B 71 10.95 18.20 0.51
N SER B 72 12.02 18.75 1.08
CA SER B 72 13.26 18.01 1.29
C SER B 72 13.47 17.96 2.79
N VAL B 73 13.86 16.80 3.31
CA VAL B 73 14.03 16.67 4.75
C VAL B 73 15.31 15.97 5.17
N THR B 74 16.13 16.68 5.93
CA THR B 74 17.38 16.11 6.44
C THR B 74 17.00 15.22 7.61
N ILE B 75 17.59 14.03 7.65
CA ILE B 75 17.31 13.10 8.75
C ILE B 75 18.24 13.42 9.92
N ASP B 76 17.65 13.76 11.06
CA ASP B 76 18.44 14.11 12.25
C ASP B 76 19.03 12.92 12.98
N LYS B 77 18.30 11.82 13.07
CA LYS B 77 18.79 10.67 13.81
C LYS B 77 18.54 9.30 13.17
N SER B 78 19.35 8.34 13.60
CA SER B 78 19.20 6.98 13.12
C SER B 78 18.32 6.27 14.15
N ILE B 79 17.36 5.49 13.67
CA ILE B 79 16.46 4.76 14.55
C ILE B 79 17.23 3.93 15.58
N ASP B 80 18.47 3.57 15.25
CA ASP B 80 19.30 2.77 16.14
C ASP B 80 19.89 3.55 17.32
N GLU B 81 19.93 4.88 17.20
CA GLU B 81 20.51 5.72 18.25
C GLU B 81 19.49 6.49 19.08
N VAL B 82 18.21 6.14 18.99
CA VAL B 82 17.21 6.84 19.76
C VAL B 82 16.21 5.94 20.47
N THR B 83 15.54 6.50 21.45
CA THR B 83 14.54 5.79 22.24
C THR B 83 13.28 6.64 22.32
N PRO B 84 12.12 6.01 22.45
CA PRO B 84 10.86 6.76 22.54
C PRO B 84 10.89 7.65 23.79
N ALA B 85 11.56 7.16 24.83
CA ALA B 85 11.67 7.86 26.10
C ALA B 85 12.15 9.31 26.00
N GLU B 86 13.09 9.58 25.09
CA GLU B 86 13.62 10.94 24.99
C GLU B 86 12.70 11.94 24.27
N PHE B 87 11.60 11.45 23.69
CA PHE B 87 10.68 12.35 23.00
C PHE B 87 9.38 12.58 23.77
N ASP B 88 8.70 13.68 23.48
CA ASP B 88 7.44 14.01 24.13
C ASP B 88 6.23 13.60 23.29
N ALA B 89 6.44 13.48 21.99
CA ALA B 89 5.36 13.11 21.08
C ALA B 89 5.92 12.53 19.78
N LEU B 90 5.04 11.94 18.98
CA LEU B 90 5.44 11.32 17.71
C LEU B 90 4.54 11.70 16.54
N LEU B 91 5.17 12.12 15.44
CA LEU B 91 4.45 12.48 14.22
C LEU B 91 4.71 11.40 13.18
N LEU B 92 3.64 10.93 12.55
CA LEU B 92 3.74 9.90 11.51
C LEU B 92 3.07 10.42 10.23
N PRO B 93 3.84 11.05 9.33
CA PRO B 93 3.30 11.56 8.07
C PRO B 93 2.92 10.42 7.14
N GLY B 94 2.01 10.69 6.20
CA GLY B 94 1.55 9.66 5.27
C GLY B 94 2.34 9.48 3.99
N GLY B 95 1.64 9.26 2.88
CA GLY B 95 2.32 9.03 1.62
C GLY B 95 2.73 7.58 1.60
N HIS B 96 3.85 7.26 0.97
CA HIS B 96 4.32 5.87 0.93
C HIS B 96 5.37 5.61 2.00
N SER B 97 5.68 6.64 2.78
CA SER B 97 6.68 6.50 3.85
C SER B 97 6.33 5.40 4.86
N PRO B 98 5.08 5.37 5.35
CA PRO B 98 4.73 4.33 6.32
C PRO B 98 4.89 2.91 5.75
N ASP B 99 4.60 2.75 4.46
CA ASP B 99 4.73 1.44 3.82
C ASP B 99 6.17 0.97 3.86
N TYR B 100 7.09 1.88 3.61
CA TYR B 100 8.51 1.55 3.61
C TYR B 100 8.99 1.26 5.03
N LEU B 101 8.58 2.10 5.96
CA LEU B 101 9.00 1.95 7.35
C LEU B 101 8.41 0.76 8.09
N ARG B 102 7.14 0.46 7.82
CA ARG B 102 6.47 -0.65 8.51
C ARG B 102 7.00 -2.03 8.14
N GLY B 103 7.96 -2.08 7.22
CA GLY B 103 8.55 -3.34 6.82
C GLY B 103 9.82 -3.60 7.62
N ASP B 104 10.10 -2.73 8.59
CA ASP B 104 11.30 -2.85 9.42
C ASP B 104 10.93 -2.83 10.90
N ASN B 105 11.22 -3.94 11.59
CA ASN B 105 10.92 -4.09 13.01
C ASN B 105 11.30 -2.90 13.89
N ARG B 106 12.41 -2.25 13.57
CA ARG B 106 12.87 -1.13 14.38
C ARG B 106 11.85 0.00 14.46
N PHE B 107 11.25 0.38 13.34
CA PHE B 107 10.26 1.45 13.36
C PHE B 107 8.94 0.98 13.96
N VAL B 108 8.61 -0.29 13.74
CA VAL B 108 7.38 -0.84 14.29
C VAL B 108 7.49 -0.86 15.81
N THR B 109 8.61 -1.38 16.31
CA THR B 109 8.85 -1.44 17.75
C THR B 109 8.83 -0.05 18.37
N PHE B 110 9.46 0.91 17.69
CA PHE B 110 9.52 2.28 18.17
C PHE B 110 8.11 2.83 18.33
N THR B 111 7.25 2.55 17.34
CA THR B 111 5.86 3.01 17.35
C THR B 111 5.08 2.33 18.48
N ARG B 112 5.24 1.01 18.60
CA ARG B 112 4.56 0.25 19.63
C ARG B 112 4.93 0.82 20.99
N ASP B 113 6.23 0.88 21.26
CA ASP B 113 6.73 1.41 22.52
C ASP B 113 6.25 2.83 22.77
N PHE B 114 6.24 3.67 21.74
CA PHE B 114 5.81 5.05 21.94
C PHE B 114 4.35 5.11 22.36
N VAL B 115 3.48 4.41 21.64
CA VAL B 115 2.06 4.39 21.97
C VAL B 115 1.82 3.81 23.38
N ASN B 116 2.50 2.73 23.72
CA ASN B 116 2.30 2.13 25.04
C ASN B 116 2.77 3.03 26.18
N SER B 117 3.61 4.02 25.87
CA SER B 117 4.11 4.94 26.90
C SER B 117 3.05 5.97 27.29
N GLY B 118 2.00 6.07 26.48
CA GLY B 118 0.94 7.03 26.77
C GLY B 118 1.15 8.41 26.17
N LYS B 119 2.34 8.66 25.64
CA LYS B 119 2.65 9.96 25.04
C LYS B 119 1.85 10.19 23.75
N PRO B 120 1.58 11.46 23.41
CA PRO B 120 0.82 11.82 22.20
C PRO B 120 1.43 11.35 20.87
N VAL B 121 0.58 10.81 20.00
CA VAL B 121 0.99 10.35 18.69
C VAL B 121 0.05 10.95 17.65
N PHE B 122 0.63 11.58 16.62
CA PHE B 122 -0.14 12.21 15.57
C PHE B 122 0.09 11.46 14.25
N ALA B 123 -0.93 10.76 13.77
CA ALA B 123 -0.82 9.99 12.53
C ALA B 123 -1.86 10.43 11.50
N ILE B 124 -1.39 10.77 10.30
CA ILE B 124 -2.28 11.24 9.25
C ILE B 124 -2.18 10.51 7.91
N CYS B 125 -3.31 10.39 7.22
CA CYS B 125 -3.36 9.73 5.92
C CYS B 125 -2.94 8.25 6.05
N HIS B 126 -1.78 7.88 5.51
CA HIS B 126 -1.30 6.51 5.60
C HIS B 126 -0.52 6.27 6.91
N GLY B 127 -0.22 7.36 7.60
CA GLY B 127 0.51 7.27 8.85
C GLY B 127 0.04 6.15 9.77
N PRO B 128 -1.29 5.97 9.94
CA PRO B 128 -1.81 4.91 10.82
C PRO B 128 -1.34 3.49 10.50
N GLN B 129 -0.73 3.29 9.33
CA GLN B 129 -0.25 1.96 8.98
C GLN B 129 0.82 1.48 9.97
N LEU B 130 1.61 2.40 10.51
CA LEU B 130 2.63 2.01 11.48
C LEU B 130 1.96 1.62 12.81
N LEU B 131 0.79 2.19 13.08
CA LEU B 131 0.04 1.88 14.28
C LEU B 131 -0.56 0.49 14.13
N ILE B 132 -1.02 0.17 12.92
CA ILE B 132 -1.57 -1.15 12.64
C ILE B 132 -0.46 -2.16 12.86
N SER B 133 0.70 -1.90 12.26
CA SER B 133 1.84 -2.80 12.39
C SER B 133 2.27 -2.97 13.85
N ALA B 134 2.22 -1.90 14.63
CA ALA B 134 2.59 -1.97 16.03
C ALA B 134 1.51 -2.76 16.78
N ASP B 135 0.35 -2.87 16.16
CA ASP B 135 -0.78 -3.60 16.73
C ASP B 135 -1.21 -3.03 18.08
N VAL B 136 -1.42 -1.73 18.12
CA VAL B 136 -1.81 -1.06 19.35
C VAL B 136 -3.07 -0.21 19.19
N ILE B 137 -3.94 -0.58 18.26
CA ILE B 137 -5.15 0.21 18.06
C ILE B 137 -6.45 -0.56 18.22
N ARG B 138 -6.38 -1.80 18.67
CA ARG B 138 -7.61 -2.57 18.85
C ARG B 138 -8.42 -1.90 19.96
N GLY B 139 -9.64 -1.49 19.62
CA GLY B 139 -10.49 -0.84 20.60
C GLY B 139 -10.28 0.66 20.72
N ARG B 140 -9.36 1.21 19.91
CA ARG B 140 -9.09 2.65 19.92
C ARG B 140 -9.86 3.31 18.78
N LYS B 141 -10.24 4.57 18.96
CA LYS B 141 -10.96 5.30 17.93
C LYS B 141 -9.99 6.08 17.06
N LEU B 142 -10.22 6.10 15.75
CA LEU B 142 -9.37 6.84 14.82
C LEU B 142 -9.92 6.86 13.41
N THR B 143 -9.25 7.59 12.53
CA THR B 143 -9.66 7.67 11.14
C THR B 143 -8.38 7.50 10.31
N ALA B 144 -8.54 7.42 8.99
CA ALA B 144 -7.39 7.24 8.11
C ALA B 144 -7.81 7.42 6.66
N VAL B 145 -6.83 7.42 5.75
CA VAL B 145 -7.10 7.58 4.33
C VAL B 145 -7.92 6.39 3.82
N LYS B 146 -8.84 6.68 2.91
CA LYS B 146 -9.77 5.71 2.33
C LYS B 146 -9.26 4.28 2.05
N PRO B 147 -8.19 4.13 1.25
CA PRO B 147 -7.68 2.79 0.93
C PRO B 147 -7.32 1.86 2.09
N ILE B 148 -7.01 2.40 3.27
CA ILE B 148 -6.65 1.54 4.39
C ILE B 148 -7.71 1.40 5.49
N ILE B 149 -8.89 1.93 5.25
CA ILE B 149 -9.98 1.84 6.22
C ILE B 149 -10.21 0.39 6.64
N ILE B 150 -10.24 -0.51 5.65
CA ILE B 150 -10.46 -1.92 5.92
C ILE B 150 -9.33 -2.50 6.78
N ASP B 151 -8.10 -2.04 6.57
CA ASP B 151 -6.96 -2.54 7.34
C ASP B 151 -7.04 -2.06 8.79
N VAL B 152 -7.47 -0.82 8.98
CA VAL B 152 -7.61 -0.25 10.32
C VAL B 152 -8.70 -1.00 11.06
N LYS B 153 -9.80 -1.29 10.36
CA LYS B 153 -10.91 -2.04 10.95
C LYS B 153 -10.48 -3.46 11.30
N ASN B 154 -9.77 -4.11 10.38
CA ASN B 154 -9.29 -5.48 10.62
C ASN B 154 -8.35 -5.53 11.82
N ALA B 155 -7.68 -4.41 12.07
CA ALA B 155 -6.75 -4.32 13.20
C ALA B 155 -7.49 -4.14 14.53
N GLY B 156 -8.81 -4.08 14.46
CA GLY B 156 -9.62 -3.94 15.67
C GLY B 156 -9.98 -2.52 16.05
N ALA B 157 -9.59 -1.54 15.24
CA ALA B 157 -9.89 -0.15 15.54
C ALA B 157 -11.33 0.25 15.25
N GLU B 158 -11.81 1.25 15.98
CA GLU B 158 -13.16 1.78 15.78
C GLU B 158 -13.01 2.99 14.87
N PHE B 159 -13.35 2.78 13.61
CA PHE B 159 -13.24 3.81 12.58
C PHE B 159 -14.35 4.84 12.55
N TYR B 160 -13.95 6.08 12.28
CA TYR B 160 -14.86 7.20 12.17
C TYR B 160 -14.39 8.03 11.00
N ASP B 161 -15.32 8.47 10.16
CA ASP B 161 -14.97 9.29 9.00
C ASP B 161 -15.17 10.75 9.38
N GLN B 162 -14.14 11.32 10.01
CA GLN B 162 -14.16 12.71 10.48
C GLN B 162 -12.81 13.33 10.12
N GLU B 163 -12.75 14.65 10.04
CA GLU B 163 -11.49 15.31 9.70
C GLU B 163 -10.39 15.06 10.73
N VAL B 164 -10.78 14.80 11.97
CA VAL B 164 -9.81 14.51 13.03
C VAL B 164 -10.45 13.72 14.16
N VAL B 165 -9.71 12.73 14.66
CA VAL B 165 -10.17 11.89 15.76
C VAL B 165 -9.11 11.87 16.85
N VAL B 166 -9.51 12.14 18.10
CA VAL B 166 -8.59 12.14 19.22
C VAL B 166 -9.03 11.09 20.22
N ASP B 167 -8.23 10.02 20.37
CA ASP B 167 -8.58 8.95 21.30
C ASP B 167 -7.82 9.07 22.62
N LYS B 168 -8.59 9.22 23.70
CA LYS B 168 -8.02 9.33 25.05
C LYS B 168 -6.91 10.37 25.13
N ASP B 169 -7.13 11.53 24.52
CA ASP B 169 -6.16 12.60 24.53
C ASP B 169 -4.72 12.14 24.24
N GLN B 170 -4.57 11.24 23.30
CA GLN B 170 -3.23 10.76 22.94
C GLN B 170 -3.09 10.57 21.45
N LEU B 171 -3.95 9.74 20.88
CA LEU B 171 -3.90 9.44 19.47
C LEU B 171 -4.71 10.41 18.60
N VAL B 172 -4.00 11.19 17.81
CA VAL B 172 -4.65 12.14 16.91
C VAL B 172 -4.49 11.61 15.49
N THR B 173 -5.60 11.41 14.78
CA THR B 173 -5.52 10.92 13.42
C THR B 173 -6.40 11.73 12.47
N SER B 174 -5.96 11.83 11.21
CA SER B 174 -6.68 12.55 10.18
C SER B 174 -6.60 11.76 8.87
N ARG B 175 -7.46 12.10 7.91
CA ARG B 175 -7.52 11.37 6.64
C ARG B 175 -6.62 11.84 5.51
N THR B 176 -6.63 13.14 5.23
CA THR B 176 -5.86 13.68 4.11
C THR B 176 -5.28 15.04 4.48
N PRO B 177 -4.47 15.62 3.57
CA PRO B 177 -3.86 16.94 3.80
C PRO B 177 -4.90 18.04 4.04
N ASP B 178 -6.10 17.85 3.52
CA ASP B 178 -7.17 18.82 3.70
C ASP B 178 -7.64 18.86 5.16
N ASP B 179 -7.29 17.83 5.91
CA ASP B 179 -7.66 17.75 7.33
C ASP B 179 -6.59 18.36 8.22
N LEU B 180 -5.49 18.80 7.62
CA LEU B 180 -4.38 19.37 8.37
C LEU B 180 -4.74 20.43 9.41
N PRO B 181 -5.60 21.40 9.06
CA PRO B 181 -5.95 22.41 10.05
C PRO B 181 -6.43 21.80 11.36
N ALA B 182 -7.35 20.84 11.26
CA ALA B 182 -7.89 20.17 12.44
C ALA B 182 -6.81 19.29 13.07
N PHE B 183 -6.04 18.61 12.22
CA PHE B 183 -4.96 17.74 12.67
C PHE B 183 -3.97 18.53 13.53
N ASN B 184 -3.46 19.63 12.97
CA ASN B 184 -2.51 20.47 13.69
C ASN B 184 -3.12 21.04 14.96
N ARG B 185 -4.38 21.48 14.86
CA ARG B 185 -5.07 22.05 16.01
C ARG B 185 -5.04 21.10 17.21
N GLU B 186 -5.48 19.86 16.99
CA GLU B 186 -5.51 18.87 18.06
C GLU B 186 -4.11 18.47 18.53
N ALA B 187 -3.18 18.33 17.61
CA ALA B 187 -1.82 17.97 17.97
C ALA B 187 -1.26 19.05 18.91
N LEU B 188 -1.39 20.31 18.51
CA LEU B 188 -0.91 21.42 19.32
C LEU B 188 -1.59 21.40 20.68
N ARG B 189 -2.89 21.14 20.68
CA ARG B 189 -3.64 21.08 21.94
C ARG B 189 -3.00 20.09 22.90
N LEU B 190 -2.70 18.89 22.42
CA LEU B 190 -2.10 17.88 23.29
C LEU B 190 -0.66 18.22 23.67
N LEU B 191 0.03 18.99 22.83
CA LEU B 191 1.40 19.38 23.12
C LEU B 191 1.47 20.45 24.21
N GLY B 192 0.38 21.22 24.32
CA GLY B 192 0.34 22.27 25.32
C GLY B 192 -0.12 21.76 26.67
N ALA B 193 -0.34 22.59 27.57
#